data_1H1K
#
_entry.id   1H1K
#
_cell.length_a   795.600
_cell.length_b   821.800
_cell.length_c   753.300
_cell.angle_alpha   90.00
_cell.angle_beta   90.00
_cell.angle_gamma   90.00
#
_symmetry.space_group_name_H-M   'P 21 21 2'
#
loop_
_entity.id
_entity.type
_entity.pdbx_description
1 polymer RNA
2 polymer RNA
3 polymer RNA
4 polymer RNA
5 polymer RNA
6 polymer RNA
#
loop_
_entity_poly.entity_id
_entity_poly.type
_entity_poly.pdbx_seq_one_letter_code
_entity_poly.pdbx_strand_id
1 'polyribonucleotide'
;AAAAAAAAAAAAAAAAAAAAAAAAAAAAAAAAAAAAAAAAAAAAAAAAAAAAAAAAAAAAAAAAAAAAAAAAAAAAAAAA
AAAAAAAAAAAAAAAAAAAAAAAAAAAAAAAAAAAAAAAAAAAAAAAAAAAAAAAAAAAAAAAAAAAAAAAAAAAAAAAA
AAAAAAAAAAAAAAAAAAAAAAAAAAAAAAAAAAAAAAAAAAAAAAAAAAAAAAAAAAAAAAAAAAAAAAAAAAAAAAAA
AAAAAAAAAAAAAAAAAAAAAAAAAAAAAAAAAAAAAAAAAAAAAAAAAAAAAAAAAAAAAAAAAAAAAAAAAAAAAAAA
AAAAAAAAAAAAAAAAAAAAAAAAAAAAAAAAAAAAAAAAAAAAAAAAAAAAAAAAAAAAAAAAAAAAAAAAAAAAAAAA
AAAAAAAAAAAA
;
I
2 'polyribonucleotide'
;AAAAAAAAAAAAAAAAAAAAAAAAAAAAAAAAAAAAAAAAAAAAAAAAAAAAAAAAAAAAAAAAAAAAAAAAAAAAAAAA
AAAAAAAAAAAAAAAAAAAAAAAAAAAAAAAAAAAAAAAAAAAAAAAAAAAAAAAAAAAAAAAAAAAAAAAAAAAAAAAA
AAAAAAAAAAAAAAAAAAAAAAAAAAAAAAAAAAAAAAAAAAAAAAAAAAAAAAAAAAAAAAAAAAAAAAAAAAAAAAAA
AAAAAAAAAAAAAAAAAAAAAAAAAAAAAAAAAAAA
;
J
3 'polyribonucleotide'
;AAAAAAAAAAAAAAAAAAAAAAAAAAAAAAAAAAAAAAAAAAAAAAAAAAAAAAAAAAAAAAAAAAAAAAAAAAAAAAAA
AAAAAAAAAAAAAAAAAAAAAAAAAAAAAAAAAAAAAAAAAAAAAAAAAAAAAAAAAAAAAAAAAAAAAAAAAAAAAAAA
AAAAAAAAAAAAAAAAAAAAAAAAAAAAAAAAAAAAAAAAAAAAAAAAAAAAAAAAAAAAAAAAAAAAAAAAAAAAAAAA
AAAAAAAAAAAAAAAAAAAAAAAAA
;
K
4 'polyribonucleotide'
;UUUUUUUUUUUUUUUUUUUUUUUUUUUUUUUUUUUUUUUUUUUUUUUUUUUUUUUUUUUUUUUUUUUUUUUUUUUUUUUU
UUUUUUUUUUUUUUUUUUUUUUUUUUUUUUUUUUUUUUUUUUUUUUUUUUUUUUUUUUUUUUUUUUUUUUUUUUUUUUUU
UUUUUUUUUUUUUUUUUUUUUUUUUUUUUUUUUUUUUUUUUUUUUUUUUUUUUUUUUUUUUUUUUUUUUUUUUUUUUUUU
UUUUUUUUUUUUUUUUUUUUUUUUUUUUUUUUUUUUUUUUUUUUUUUUUUUUUUUUUUUUUUUUUUUUUUUUUUUUUUUU
UUUUUUUUUUUUUUUUUUUUUUUUUUUUUUUUUUUUUUUUUUUUUUUUUUUUUUUUUUUUUUUUUUUUUUUUUUUUUUUU
UUUUUUUUUUUU
;
L
5 'polyribonucleotide'
;UUUUUUUUUUUUUUUUUUUUUUUUUUUUUUUUUUUUUUUUUUUUUUUUUUUUUUUUUUUUUUUUUUUUUUUUUUUUUUUU
UUUUUUUUUUUUUUUUUUUUUUUUUUUUUUUUUUUUUUUUUUUUUUUUUUUUUUUUUUUUUUUUUUUUUUUUUUUUUUUU
UUUUUUUUUUUUUUUUUUUUUUUUUUUUUUUUUUUUUUUUUUUUUUUUUUUUUUUUUUUUUUUUUUUUUUUUUUUUUUUU
UUUUUUUUUUUUUUUUUUUUUUUUUUUUUUUUUUUU
;
M
6 'polyribonucleotide'
;UUUUUUUUUUUUUUUUUUUUUUUUUUUUUUUUUUUUUUUUUUUUUUUUUUUUUUUUUUUUUUUUUUUUUUUUUUUUUUUU
UUUUUUUUUUUUUUUUUUUUUUUUUUUUUUUUUUUUUUUUUUUUUUUUUUUUUUUUUUUUUUUUUUUUUUUUUUUUUUUU
UUUUUUUUUUUUUUUUUUUUUUUUUUUUUUUUUUUUUUUUUUUUUUUUUUUUUUUUUUUUUUUUUUUUUUUUUUUUUUUU
UUUUUUUUUUUUUUUUUUUUUUUUU
;
N
#
loop_
_chem_comp.id
_chem_comp.type
_chem_comp.name
_chem_comp.formula
A RNA linking ADENOSINE-5'-MONOPHOSPHATE 'C10 H14 N5 O7 P'
U RNA linking URIDINE-5'-MONOPHOSPHATE 'C9 H13 N2 O9 P'
#